data_8ADM
#
_entry.id   8ADM
#
_cell.length_a   81.095
_cell.length_b   96.034
_cell.length_c   79.677
_cell.angle_alpha   90.000
_cell.angle_beta   90.000
_cell.angle_gamma   90.000
#
_symmetry.space_group_name_H-M   'C 2 2 21'
#
loop_
_entity.id
_entity.type
_entity.pdbx_description
1 polymer '14-3-3 protein sigma'
2 polymer 'Ubiquitin carboxyl-terminal hydrolase 8'
3 non-polymer 1-[2-(4-chloranylphenoxy)-2-methyl-propanoyl]-~{N}-[2-[2-(dimethylamino)ethyldisulfanyl]ethyl]piperidine-4-carboxamide
4 water water
#
loop_
_entity_poly.entity_id
_entity_poly.type
_entity_poly.pdbx_seq_one_letter_code
_entity_poly.pdbx_strand_id
1 'polypeptide(L)'
;GAMGSMERASLIQKAKLAEQAERYEDMAAFMKGAVEKGEELSCEERNLLSVAYKNVVGGQRAAWRVLSSIEQKSNEEGSE
EKGPEVREYREKVETELQGVCDTVLGLLDSHLIKEAGDAESRVFYLKMKGDYYRYLAEVATGDDKKRIIDSARSAYQEAM
DISKKEMPPTNPIRLGLALNFSVFHYEIANSPEEAISLAKTTFDEAMADLHTLSEDSYKDSTLIMQLLRDNLTLWT
;
A
2 'polypeptide(L)' RSY(SEP)SPDI P
#
# COMPACT_ATOMS: atom_id res chain seq x y z
N MET A 6 -27.82 -1.38 4.43
CA MET A 6 -28.31 -1.67 3.05
C MET A 6 -27.89 -3.09 2.66
N GLU A 7 -28.60 -3.68 1.69
CA GLU A 7 -28.18 -4.95 1.14
C GLU A 7 -26.78 -4.81 0.54
N ARG A 8 -26.04 -5.90 0.59
CA ARG A 8 -24.68 -5.90 0.04
C ARG A 8 -24.67 -5.52 -1.43
N ALA A 9 -25.60 -6.06 -2.23
CA ALA A 9 -25.56 -5.81 -3.66
C ALA A 9 -25.72 -4.32 -3.96
N SER A 10 -26.55 -3.61 -3.17
CA SER A 10 -26.72 -2.18 -3.38
C SER A 10 -25.44 -1.40 -3.04
N LEU A 11 -24.76 -1.81 -1.97
CA LEU A 11 -23.48 -1.19 -1.60
C LEU A 11 -22.45 -1.37 -2.71
N ILE A 12 -22.37 -2.56 -3.28
CA ILE A 12 -21.43 -2.76 -4.38
C ILE A 12 -21.80 -1.90 -5.56
N GLN A 13 -23.09 -1.84 -5.90
CA GLN A 13 -23.54 -1.04 -7.03
C GLN A 13 -23.16 0.42 -6.83
N LYS A 14 -23.36 0.93 -5.62
CA LYS A 14 -23.01 2.31 -5.32
C LYS A 14 -21.51 2.52 -5.28
N ALA A 15 -20.74 1.53 -4.86
CA ALA A 15 -19.30 1.67 -4.97
C ALA A 15 -18.88 1.83 -6.43
N LYS A 16 -19.44 1.01 -7.34
CA LYS A 16 -19.10 1.11 -8.75
C LYS A 16 -19.53 2.44 -9.34
N LEU A 17 -20.69 2.97 -8.92
CA LEU A 17 -21.10 4.31 -9.36
C LEU A 17 -20.14 5.37 -8.86
N ALA A 18 -19.76 5.29 -7.58
CA ALA A 18 -18.83 6.25 -7.04
C ALA A 18 -17.50 6.21 -7.80
N GLU A 19 -17.06 5.02 -8.18
CA GLU A 19 -15.84 4.91 -8.95
C GLU A 19 -15.97 5.66 -10.27
N GLN A 20 -17.06 5.45 -11.00
CA GLN A 20 -17.24 6.15 -12.27
C GLN A 20 -17.33 7.64 -12.06
N ALA A 21 -17.91 8.07 -10.94
CA ALA A 21 -18.05 9.48 -10.61
C ALA A 21 -16.80 10.09 -10.01
N GLU A 22 -15.73 9.30 -9.83
CA GLU A 22 -14.50 9.73 -9.19
C GLU A 22 -14.75 10.28 -7.78
N ARG A 23 -15.68 9.64 -7.07
CA ARG A 23 -16.02 10.00 -5.71
C ARG A 23 -15.41 8.95 -4.78
N TYR A 24 -14.11 9.05 -4.53
CA TYR A 24 -13.40 7.92 -3.89
C TYR A 24 -13.69 7.83 -2.40
N GLU A 25 -13.95 8.97 -1.70
CA GLU A 25 -14.37 8.82 -0.32
C GLU A 25 -15.69 8.04 -0.23
N ASP A 26 -16.68 8.42 -1.06
CA ASP A 26 -17.93 7.67 -1.06
C ASP A 26 -17.67 6.21 -1.40
N MET A 27 -16.84 5.97 -2.40
CA MET A 27 -16.55 4.61 -2.84
C MET A 27 -16.01 3.76 -1.69
N ALA A 28 -15.07 4.31 -0.94
CA ALA A 28 -14.50 3.61 0.20
C ALA A 28 -15.55 3.30 1.25
N ALA A 29 -16.43 4.27 1.56
CA ALA A 29 -17.48 4.05 2.56
C ALA A 29 -18.44 2.94 2.12
N PHE A 30 -18.83 2.94 0.84
CA PHE A 30 -19.68 1.87 0.31
C PHE A 30 -18.98 0.51 0.45
N MET A 31 -17.71 0.43 0.06
CA MET A 31 -17.01 -0.84 0.16
C MET A 31 -16.83 -1.26 1.63
N LYS A 32 -16.58 -0.31 2.54
CA LYS A 32 -16.53 -0.64 3.96
C LYS A 32 -17.80 -1.33 4.41
N GLY A 33 -18.96 -0.73 4.08
CA GLY A 33 -20.21 -1.37 4.41
C GLY A 33 -20.37 -2.75 3.79
N ALA A 34 -19.93 -2.91 2.53
CA ALA A 34 -19.99 -4.22 1.90
C ALA A 34 -19.12 -5.24 2.64
N VAL A 35 -17.89 -4.86 2.98
CA VAL A 35 -17.02 -5.76 3.72
C VAL A 35 -17.67 -6.19 5.03
N GLU A 36 -18.30 -5.25 5.72
CA GLU A 36 -18.85 -5.51 7.06
C GLU A 36 -20.00 -6.50 7.02
N LYS A 37 -20.53 -6.81 5.85
CA LYS A 37 -21.48 -7.94 5.73
C LYS A 37 -20.83 -9.27 6.05
N GLY A 38 -19.51 -9.36 6.01
CA GLY A 38 -18.82 -10.55 6.46
C GLY A 38 -18.74 -11.65 5.43
N GLU A 39 -18.99 -11.35 4.17
CA GLU A 39 -18.76 -12.32 3.10
C GLU A 39 -17.48 -11.96 2.35
N GLU A 40 -16.88 -12.96 1.72
CA GLU A 40 -15.66 -12.73 0.98
C GLU A 40 -15.94 -11.74 -0.15
N LEU A 41 -14.87 -11.10 -0.61
CA LEU A 41 -14.90 -10.28 -1.81
C LEU A 41 -14.38 -11.04 -3.01
N SER A 42 -15.04 -10.85 -4.15
CA SER A 42 -14.52 -11.28 -5.43
C SER A 42 -13.24 -10.48 -5.77
N CYS A 43 -12.55 -10.91 -6.83
CA CYS A 43 -11.37 -10.17 -7.26
C CYS A 43 -11.78 -8.71 -7.64
N GLU A 44 -12.85 -8.57 -8.39
CA GLU A 44 -13.39 -7.27 -8.77
C GLU A 44 -13.62 -6.40 -7.52
N GLU A 45 -14.28 -6.99 -6.53
CA GLU A 45 -14.64 -6.24 -5.32
C GLU A 45 -13.41 -5.90 -4.49
N ARG A 46 -12.46 -6.85 -4.39
CA ARG A 46 -11.18 -6.58 -3.76
C ARG A 46 -10.51 -5.38 -4.38
N ASN A 47 -10.58 -5.28 -5.69
CA ASN A 47 -9.94 -4.15 -6.36
C ASN A 47 -10.74 -2.87 -6.14
N LEU A 48 -12.08 -2.93 -6.09
CA LEU A 48 -12.84 -1.74 -5.71
C LEU A 48 -12.39 -1.21 -4.34
N LEU A 49 -12.30 -2.10 -3.36
CA LEU A 49 -11.86 -1.71 -2.02
C LEU A 49 -10.50 -1.03 -2.07
N SER A 50 -9.55 -1.65 -2.78
CA SER A 50 -8.20 -1.13 -2.80
C SER A 50 -8.12 0.21 -3.51
N VAL A 51 -8.75 0.30 -4.68
CA VAL A 51 -8.77 1.56 -5.44
C VAL A 51 -9.31 2.70 -4.58
N ALA A 52 -10.44 2.46 -3.93
CA ALA A 52 -11.08 3.50 -3.15
C ALA A 52 -10.16 4.04 -2.07
N TYR A 53 -9.69 3.16 -1.17
CA TYR A 53 -8.87 3.62 -0.05
C TYR A 53 -7.50 4.11 -0.51
N LYS A 54 -6.94 3.54 -1.57
CA LYS A 54 -5.64 4.04 -2.05
C LYS A 54 -5.76 5.47 -2.56
N ASN A 55 -6.86 5.79 -3.23
CA ASN A 55 -7.08 7.18 -3.67
C ASN A 55 -7.22 8.12 -2.48
N VAL A 56 -7.97 7.70 -1.48
CA VAL A 56 -8.19 8.57 -0.32
C VAL A 56 -6.87 8.79 0.41
N VAL A 57 -6.19 7.70 0.79
CA VAL A 57 -4.97 7.88 1.57
C VAL A 57 -3.88 8.52 0.72
N GLY A 58 -3.90 8.27 -0.58
CA GLY A 58 -2.91 8.86 -1.47
C GLY A 58 -2.95 10.38 -1.49
N GLY A 59 -4.16 10.93 -1.51
CA GLY A 59 -4.28 12.38 -1.41
C GLY A 59 -3.84 12.92 -0.08
N GLN A 60 -4.11 12.18 1.01
CA GLN A 60 -3.68 12.61 2.32
C GLN A 60 -2.16 12.52 2.44
N ARG A 61 -1.58 11.44 1.90
CA ARG A 61 -0.13 11.31 1.94
C ARG A 61 0.53 12.45 1.17
N ALA A 62 0.05 12.72 -0.04
CA ALA A 62 0.60 13.81 -0.83
C ALA A 62 0.52 15.12 -0.07
N ALA A 63 -0.65 15.39 0.53
CA ALA A 63 -0.80 16.61 1.32
C ALA A 63 0.16 16.65 2.51
N TRP A 64 0.27 15.53 3.22
CA TRP A 64 1.17 15.48 4.37
C TRP A 64 2.61 15.75 3.97
N ARG A 65 3.05 15.18 2.84
CA ARG A 65 4.43 15.40 2.43
C ARG A 65 4.67 16.87 2.09
N VAL A 66 3.72 17.50 1.40
CA VAL A 66 3.86 18.92 1.08
C VAL A 66 3.97 19.73 2.35
N LEU A 67 3.08 19.47 3.30
CA LEU A 67 3.05 20.28 4.50
C LEU A 67 4.27 20.02 5.37
N SER A 68 4.64 18.76 5.55
CA SER A 68 5.78 18.40 6.37
C SER A 68 7.06 19.06 5.82
N SER A 69 7.18 19.11 4.50
CA SER A 69 8.36 19.73 3.88
C SER A 69 8.40 21.22 4.17
N ILE A 70 7.27 21.91 4.00
CA ILE A 70 7.20 23.32 4.35
C ILE A 70 7.55 23.53 5.82
N GLU A 71 7.06 22.64 6.69
CA GLU A 71 7.31 22.77 8.12
C GLU A 71 8.80 22.63 8.43
N GLN A 72 9.50 21.72 7.76
CA GLN A 72 10.91 21.53 8.05
C GLN A 72 11.74 22.71 7.51
N LYS A 73 11.51 23.10 6.26
CA LYS A 73 12.19 24.26 5.70
C LYS A 73 11.88 25.53 6.48
N SER A 74 10.86 25.54 7.33
CA SER A 74 10.58 26.67 8.21
C SER A 74 11.15 26.47 9.61
N ASN A 75 11.39 25.22 10.01
CA ASN A 75 12.20 24.94 11.19
C ASN A 75 13.68 25.01 10.88
N GLU A 76 14.04 25.18 9.60
CA GLU A 76 15.42 25.49 9.19
C GLU A 76 15.55 26.99 9.09
N GLU A 77 15.65 27.65 10.24
CA GLU A 77 15.96 29.06 10.37
C GLU A 77 14.96 29.95 9.64
N GLY A 78 13.82 29.43 9.20
CA GLY A 78 12.79 30.27 8.63
C GLY A 78 12.19 31.20 9.67
N SER A 79 13.00 31.55 10.67
CA SER A 79 12.53 32.26 11.86
C SER A 79 11.82 33.55 11.48
N GLU A 80 10.72 33.84 12.18
CA GLU A 80 9.84 34.98 11.93
C GLU A 80 9.07 34.86 10.63
N GLU A 81 9.30 33.81 9.84
CA GLU A 81 8.44 33.45 8.73
C GLU A 81 7.54 32.27 9.10
N LYS A 82 7.13 32.20 10.37
CA LYS A 82 6.44 31.01 10.86
C LYS A 82 5.76 31.25 12.21
N GLY A 83 4.43 31.19 12.19
CA GLY A 83 3.67 30.92 13.38
C GLY A 83 3.37 29.43 13.44
N PRO A 84 2.32 29.03 14.14
CA PRO A 84 2.01 27.61 14.28
C PRO A 84 1.17 27.03 13.15
N GLU A 85 0.87 27.81 12.11
CA GLU A 85 -0.15 27.40 11.13
C GLU A 85 0.24 26.11 10.42
N VAL A 86 1.49 26.04 9.94
CA VAL A 86 1.92 24.87 9.17
C VAL A 86 1.87 23.62 10.03
N ARG A 87 2.44 23.70 11.23
CA ARG A 87 2.42 22.54 12.12
C ARG A 87 0.99 22.11 12.43
N GLU A 88 0.12 23.07 12.77
CA GLU A 88 -1.25 22.72 13.10
C GLU A 88 -1.93 22.01 11.92
N TYR A 89 -1.71 22.51 10.70
CA TYR A 89 -2.38 21.94 9.54
C TYR A 89 -1.79 20.58 9.18
N ARG A 90 -0.47 20.44 9.34
CA ARG A 90 0.14 19.13 9.12
C ARG A 90 -0.42 18.12 10.10
N GLU A 91 -0.57 18.52 11.37
CA GLU A 91 -1.12 17.63 12.38
C GLU A 91 -2.54 17.22 12.03
N LYS A 92 -3.34 18.17 11.54
CA LYS A 92 -4.71 17.88 11.14
C LYS A 92 -4.74 16.83 10.06
N VAL A 93 -3.98 17.04 8.97
CA VAL A 93 -3.95 16.08 7.89
C VAL A 93 -3.44 14.73 8.39
N GLU A 94 -2.45 14.75 9.28
CA GLU A 94 -1.89 13.53 9.83
C GLU A 94 -2.93 12.70 10.59
N THR A 95 -3.71 13.34 11.45
CA THR A 95 -4.74 12.64 12.21
C THR A 95 -5.76 12.04 11.25
N GLU A 96 -6.12 12.77 10.20
CA GLU A 96 -7.07 12.26 9.21
C GLU A 96 -6.53 11.05 8.48
N LEU A 97 -5.24 11.10 8.14
CA LEU A 97 -4.60 9.96 7.48
C LEU A 97 -4.54 8.75 8.39
N GLN A 98 -4.17 8.95 9.65
CA GLN A 98 -4.13 7.83 10.58
C GLN A 98 -5.51 7.20 10.71
N GLY A 99 -6.56 8.02 10.72
CA GLY A 99 -7.91 7.47 10.82
C GLY A 99 -8.26 6.56 9.67
N VAL A 100 -7.95 7.01 8.45
CA VAL A 100 -8.26 6.19 7.29
C VAL A 100 -7.45 4.91 7.32
N CYS A 101 -6.15 5.01 7.65
CA CYS A 101 -5.36 3.78 7.71
C CYS A 101 -5.90 2.83 8.77
N ASP A 102 -6.26 3.36 9.94
CA ASP A 102 -6.82 2.53 10.99
C ASP A 102 -8.14 1.88 10.57
N THR A 103 -8.94 2.58 9.75
CA THR A 103 -10.19 2.01 9.27
C THR A 103 -9.92 0.83 8.35
N VAL A 104 -8.99 0.98 7.40
CA VAL A 104 -8.67 -0.12 6.50
C VAL A 104 -8.13 -1.31 7.28
N LEU A 105 -7.19 -1.04 8.18
CA LEU A 105 -6.62 -2.12 8.98
C LEU A 105 -7.69 -2.82 9.79
N GLY A 106 -8.68 -2.07 10.28
CA GLY A 106 -9.77 -2.69 11.01
C GLY A 106 -10.57 -3.65 10.14
N LEU A 107 -10.85 -3.25 8.89
CA LEU A 107 -11.52 -4.14 7.95
C LEU A 107 -10.71 -5.41 7.70
N LEU A 108 -9.38 -5.24 7.54
CA LEU A 108 -8.48 -6.36 7.28
C LEU A 108 -8.45 -7.33 8.45
N ASP A 109 -8.42 -6.81 9.68
CA ASP A 109 -8.29 -7.67 10.86
C ASP A 109 -9.62 -8.18 11.38
N SER A 110 -10.73 -7.48 11.13
CA SER A 110 -12.02 -7.90 11.60
C SER A 110 -12.67 -8.87 10.62
N HIS A 111 -12.33 -8.75 9.32
CA HIS A 111 -13.02 -9.56 8.32
C HIS A 111 -12.10 -10.19 7.29
N LEU A 112 -11.33 -9.39 6.57
CA LEU A 112 -10.87 -9.82 5.25
C LEU A 112 -9.82 -10.94 5.34
N ILE A 113 -8.83 -10.80 6.21
CA ILE A 113 -7.72 -11.76 6.24
C ILE A 113 -8.24 -13.11 6.72
N LYS A 114 -8.99 -13.11 7.83
CA LYS A 114 -9.48 -14.36 8.43
C LYS A 114 -10.45 -15.10 7.50
N GLU A 115 -11.30 -14.35 6.80
CA GLU A 115 -12.40 -14.91 6.02
C GLU A 115 -11.96 -15.34 4.62
N ALA A 116 -10.75 -14.97 4.21
CA ALA A 116 -10.28 -15.26 2.87
C ALA A 116 -10.12 -16.76 2.65
N GLY A 117 -10.78 -17.28 1.62
CA GLY A 117 -10.80 -18.71 1.41
C GLY A 117 -9.75 -19.26 0.49
N ASP A 118 -8.87 -18.41 -0.03
CA ASP A 118 -7.86 -18.78 -1.02
C ASP A 118 -6.57 -18.00 -0.79
N ALA A 119 -5.46 -18.62 -1.19
CA ALA A 119 -4.15 -18.04 -0.88
C ALA A 119 -3.93 -16.72 -1.58
N GLU A 120 -4.39 -16.57 -2.84
CA GLU A 120 -4.14 -15.32 -3.53
C GLU A 120 -4.79 -14.16 -2.80
N SER A 121 -6.04 -14.35 -2.37
CA SER A 121 -6.72 -13.33 -1.57
C SER A 121 -5.97 -13.04 -0.28
N ARG A 122 -5.51 -14.10 0.41
CA ARG A 122 -4.78 -13.90 1.65
C ARG A 122 -3.54 -13.05 1.41
N VAL A 123 -2.78 -13.34 0.35
CA VAL A 123 -1.60 -12.53 0.02
C VAL A 123 -2.00 -11.09 -0.26
N PHE A 124 -3.06 -10.90 -1.05
CA PHE A 124 -3.51 -9.55 -1.39
C PHE A 124 -3.80 -8.75 -0.12
N TYR A 125 -4.52 -9.35 0.84
CA TYR A 125 -4.90 -8.62 2.04
C TYR A 125 -3.72 -8.42 2.99
N LEU A 126 -2.82 -9.40 3.08
CA LEU A 126 -1.66 -9.20 3.95
C LEU A 126 -0.74 -8.13 3.39
N LYS A 127 -0.60 -8.09 2.06
CA LYS A 127 0.10 -6.97 1.44
C LYS A 127 -0.55 -5.64 1.77
N MET A 128 -1.90 -5.58 1.67
CA MET A 128 -2.59 -4.35 2.07
C MET A 128 -2.30 -3.98 3.50
N LYS A 129 -2.27 -4.98 4.40
CA LYS A 129 -1.99 -4.72 5.80
C LYS A 129 -0.59 -4.12 5.96
N GLY A 130 0.40 -4.70 5.28
CA GLY A 130 1.73 -4.12 5.30
C GLY A 130 1.75 -2.69 4.77
N ASP A 131 1.02 -2.45 3.67
CA ASP A 131 1.01 -1.12 3.04
C ASP A 131 0.41 -0.06 3.97
N TYR A 132 -0.74 -0.33 4.58
CA TYR A 132 -1.36 0.69 5.41
C TYR A 132 -0.59 0.87 6.73
N TYR A 133 0.05 -0.18 7.27
CA TYR A 133 0.99 0.07 8.36
C TYR A 133 2.19 0.90 7.88
N ARG A 134 2.66 0.64 6.66
CA ARG A 134 3.74 1.45 6.12
C ARG A 134 3.33 2.93 6.01
N TYR A 135 2.10 3.20 5.58
CA TYR A 135 1.67 4.60 5.51
C TYR A 135 1.61 5.21 6.90
N LEU A 136 1.15 4.45 7.90
CA LEU A 136 1.17 4.94 9.27
C LEU A 136 2.58 5.21 9.73
N ALA A 137 3.51 4.32 9.33
CA ALA A 137 4.90 4.49 9.75
C ALA A 137 5.52 5.76 9.17
N GLU A 138 5.08 6.17 7.99
CA GLU A 138 5.61 7.37 7.36
C GLU A 138 5.39 8.61 8.21
N VAL A 139 4.35 8.62 9.06
CA VAL A 139 4.03 9.77 9.88
C VAL A 139 4.26 9.55 11.36
N ALA A 140 4.57 8.33 11.78
CA ALA A 140 4.62 7.97 13.18
C ALA A 140 5.86 8.48 13.87
N THR A 141 5.74 8.67 15.19
CA THR A 141 6.89 8.93 16.06
C THR A 141 6.84 8.06 17.31
N GLY A 142 7.98 8.06 18.03
CA GLY A 142 8.04 7.39 19.30
C GLY A 142 7.67 5.93 19.28
N ASP A 143 7.02 5.50 20.37
CA ASP A 143 6.72 4.10 20.52
C ASP A 143 5.77 3.62 19.44
N ASP A 144 4.84 4.48 19.01
CA ASP A 144 3.92 4.15 17.92
C ASP A 144 4.69 3.68 16.69
N LYS A 145 5.74 4.40 16.32
CA LYS A 145 6.50 4.06 15.13
C LYS A 145 7.09 2.65 15.24
N LYS A 146 7.68 2.32 16.38
CA LYS A 146 8.29 0.99 16.52
C LYS A 146 7.25 -0.12 16.38
N ARG A 147 6.09 0.03 17.05
CA ARG A 147 5.03 -0.96 16.97
C ARG A 147 4.57 -1.15 15.54
N ILE A 148 4.37 -0.02 14.87
CA ILE A 148 3.86 -0.02 13.49
C ILE A 148 4.83 -0.70 12.55
N ILE A 149 6.13 -0.41 12.72
CA ILE A 149 7.14 -1.00 11.84
C ILE A 149 7.21 -2.50 12.05
N ASP A 150 7.14 -2.96 13.32
CA ASP A 150 7.11 -4.39 13.58
C ASP A 150 5.89 -5.04 12.93
N SER A 151 4.72 -4.38 13.01
CA SER A 151 3.51 -4.94 12.42
C SER A 151 3.60 -4.97 10.90
N ALA A 152 4.13 -3.92 10.27
CA ALA A 152 4.29 -3.93 8.82
C ALA A 152 5.19 -5.08 8.39
N ARG A 153 6.33 -5.23 9.05
CA ARG A 153 7.24 -6.29 8.65
CA ARG A 153 7.25 -6.28 8.66
C ARG A 153 6.59 -7.65 8.76
N SER A 154 5.85 -7.90 9.84
CA SER A 154 5.27 -9.19 10.07
C SER A 154 4.20 -9.52 9.04
N ALA A 155 3.37 -8.53 8.67
CA ALA A 155 2.39 -8.76 7.61
C ALA A 155 3.06 -9.00 6.26
N TYR A 156 4.03 -8.15 5.88
CA TYR A 156 4.71 -8.36 4.62
C TYR A 156 5.38 -9.74 4.58
N GLN A 157 6.04 -10.12 5.67
CA GLN A 157 6.74 -11.42 5.67
C GLN A 157 5.80 -12.60 5.51
N GLU A 158 4.66 -12.60 6.21
CA GLU A 158 3.69 -13.67 6.02
C GLU A 158 3.19 -13.71 4.59
N ALA A 159 2.90 -12.54 4.01
CA ALA A 159 2.49 -12.48 2.60
C ALA A 159 3.58 -13.07 1.69
N MET A 160 4.82 -12.71 1.93
CA MET A 160 5.95 -13.18 1.13
C MET A 160 6.04 -14.70 1.19
N ASP A 161 5.97 -15.26 2.40
CA ASP A 161 6.05 -16.71 2.55
C ASP A 161 4.97 -17.39 1.73
N ILE A 162 3.72 -16.93 1.86
CA ILE A 162 2.62 -17.55 1.14
C ILE A 162 2.84 -17.40 -0.36
N SER A 163 3.27 -16.22 -0.80
CA SER A 163 3.37 -16.00 -2.24
C SER A 163 4.45 -16.87 -2.87
N LYS A 164 5.55 -17.10 -2.15
CA LYS A 164 6.60 -17.95 -2.70
C LYS A 164 6.14 -19.39 -2.80
N LYS A 165 5.24 -19.81 -1.89
CA LYS A 165 4.67 -21.15 -1.93
C LYS A 165 3.61 -21.32 -3.01
N GLU A 166 2.79 -20.29 -3.26
CA GLU A 166 1.55 -20.45 -3.99
C GLU A 166 1.47 -19.72 -5.34
N MET A 167 2.40 -18.82 -5.63
CA MET A 167 2.33 -18.00 -6.82
C MET A 167 3.61 -18.09 -7.63
N PRO A 168 3.53 -18.07 -8.96
CA PRO A 168 4.75 -18.08 -9.77
C PRO A 168 5.49 -16.75 -9.65
N PRO A 169 6.79 -16.73 -9.96
CA PRO A 169 7.57 -15.51 -9.69
C PRO A 169 7.20 -14.32 -10.55
N THR A 170 6.45 -14.50 -11.65
CA THR A 170 6.01 -13.38 -12.43
C THR A 170 4.59 -12.94 -12.09
N ASN A 171 3.94 -13.59 -11.14
CA ASN A 171 2.59 -13.19 -10.77
C ASN A 171 2.59 -11.73 -10.31
N PRO A 172 1.73 -10.88 -10.89
CA PRO A 172 1.78 -9.46 -10.57
C PRO A 172 1.52 -9.14 -9.11
N ILE A 173 0.72 -9.93 -8.42
CA ILE A 173 0.48 -9.67 -7.01
C ILE A 173 1.74 -10.01 -6.20
N ARG A 174 2.34 -11.13 -6.49
CA ARG A 174 3.59 -11.49 -5.82
C ARG A 174 4.67 -10.43 -6.08
N LEU A 175 4.74 -9.95 -7.33
CA LEU A 175 5.73 -8.93 -7.67
C LEU A 175 5.47 -7.62 -6.93
N GLY A 176 4.20 -7.16 -6.93
CA GLY A 176 3.87 -5.93 -6.25
C GLY A 176 4.09 -5.98 -4.75
N LEU A 177 3.85 -7.14 -4.15
CA LEU A 177 4.16 -7.36 -2.75
C LEU A 177 5.64 -7.20 -2.50
N ALA A 178 6.47 -7.90 -3.28
CA ALA A 178 7.91 -7.80 -3.10
C ALA A 178 8.40 -6.38 -3.31
N LEU A 179 7.88 -5.69 -4.32
CA LEU A 179 8.20 -4.29 -4.56
C LEU A 179 7.91 -3.45 -3.32
N ASN A 180 6.70 -3.58 -2.78
CA ASN A 180 6.33 -2.76 -1.63
C ASN A 180 7.11 -3.13 -0.38
N PHE A 181 7.42 -4.41 -0.18
CA PHE A 181 8.28 -4.80 0.94
C PHE A 181 9.68 -4.24 0.78
N SER A 182 10.17 -4.13 -0.47
CA SER A 182 11.48 -3.54 -0.66
C SER A 182 11.45 -2.06 -0.35
N VAL A 183 10.36 -1.38 -0.69
CA VAL A 183 10.22 0.03 -0.31
C VAL A 183 10.19 0.17 1.20
N PHE A 184 9.47 -0.73 1.89
CA PHE A 184 9.48 -0.73 3.34
C PHE A 184 10.90 -0.83 3.90
N HIS A 185 11.70 -1.76 3.36
CA HIS A 185 13.09 -1.88 3.82
C HIS A 185 13.85 -0.57 3.63
N TYR A 186 13.75 0.03 2.44
CA TYR A 186 14.58 1.18 2.14
C TYR A 186 14.13 2.41 2.91
N GLU A 187 12.83 2.72 2.87
CA GLU A 187 12.34 4.01 3.34
C GLU A 187 11.94 4.00 4.81
N ILE A 188 11.52 2.87 5.32
CA ILE A 188 10.90 2.79 6.64
C ILE A 188 11.85 2.16 7.65
N ALA A 189 12.42 1.02 7.30
CA ALA A 189 13.30 0.28 8.21
C ALA A 189 14.74 0.76 8.14
N ASN A 190 15.08 1.58 7.18
CA ASN A 190 16.46 2.00 6.97
C ASN A 190 17.37 0.77 6.90
N SER A 191 16.96 -0.17 6.06
CA SER A 191 17.71 -1.38 5.76
C SER A 191 17.91 -1.44 4.25
N PRO A 192 18.71 -0.51 3.70
CA PRO A 192 18.84 -0.46 2.24
C PRO A 192 19.55 -1.66 1.64
N GLU A 193 20.43 -2.32 2.39
CA GLU A 193 20.98 -3.60 1.92
C GLU A 193 19.85 -4.58 1.63
N GLU A 194 18.93 -4.74 2.58
CA GLU A 194 17.82 -5.68 2.40
C GLU A 194 16.92 -5.25 1.26
N ALA A 195 16.72 -3.95 1.11
CA ALA A 195 15.85 -3.43 0.06
C ALA A 195 16.42 -3.73 -1.30
N ILE A 196 17.69 -3.40 -1.51
CA ILE A 196 18.32 -3.61 -2.82
C ILE A 196 18.42 -5.09 -3.13
N SER A 197 18.72 -5.90 -2.12
CA SER A 197 18.78 -7.34 -2.30
C SER A 197 17.43 -7.89 -2.72
N LEU A 198 16.37 -7.52 -2.00
CA LEU A 198 15.05 -8.03 -2.34
C LEU A 198 14.63 -7.58 -3.74
N ALA A 199 14.83 -6.30 -4.08
CA ALA A 199 14.40 -5.82 -5.39
C ALA A 199 15.15 -6.52 -6.52
N LYS A 200 16.46 -6.70 -6.36
CA LYS A 200 17.24 -7.34 -7.43
C LYS A 200 16.89 -8.82 -7.57
N THR A 201 16.76 -9.54 -6.44
CA THR A 201 16.41 -10.95 -6.47
C THR A 201 15.03 -11.16 -7.06
N THR A 202 14.09 -10.28 -6.71
CA THR A 202 12.74 -10.40 -7.25
C THR A 202 12.77 -10.20 -8.76
N PHE A 203 13.47 -9.17 -9.21
CA PHE A 203 13.57 -8.94 -10.65
C PHE A 203 14.22 -10.12 -11.35
N ASP A 204 15.34 -10.62 -10.83
CA ASP A 204 16.07 -11.69 -11.50
C ASP A 204 15.24 -12.96 -11.61
N GLU A 205 14.58 -13.36 -10.52
CA GLU A 205 13.80 -14.58 -10.53
C GLU A 205 12.57 -14.49 -11.44
N ALA A 206 12.06 -13.30 -11.68
CA ALA A 206 10.94 -13.13 -12.59
C ALA A 206 11.40 -13.04 -14.04
N MET A 207 12.47 -12.28 -14.27
N MET A 207 12.44 -12.25 -14.30
CA MET A 207 13.08 -12.18 -15.60
CA MET A 207 13.04 -12.22 -15.63
C MET A 207 13.30 -13.57 -16.18
C MET A 207 13.14 -13.64 -16.16
N ALA A 208 13.69 -14.53 -15.34
CA ALA A 208 13.96 -15.87 -15.79
C ALA A 208 12.76 -16.55 -16.44
N ASP A 209 11.53 -16.10 -16.15
CA ASP A 209 10.31 -16.74 -16.65
C ASP A 209 9.59 -15.95 -17.76
N LEU A 210 10.06 -14.76 -18.10
CA LEU A 210 9.26 -13.91 -18.96
C LEU A 210 9.05 -14.49 -20.36
N HIS A 211 9.94 -15.37 -20.81
CA HIS A 211 9.86 -15.93 -22.16
C HIS A 211 8.73 -16.92 -22.32
N THR A 212 8.13 -17.38 -21.24
CA THR A 212 6.99 -18.28 -21.31
C THR A 212 5.66 -17.53 -21.32
N LEU A 213 5.66 -16.19 -21.22
CA LEU A 213 4.45 -15.44 -20.97
C LEU A 213 3.78 -14.93 -22.24
N SER A 214 2.47 -14.99 -22.25
CA SER A 214 1.68 -14.35 -23.29
C SER A 214 1.86 -12.84 -23.27
N GLU A 215 1.54 -12.23 -24.40
CA GLU A 215 1.43 -10.79 -24.50
C GLU A 215 0.79 -10.16 -23.26
N ASP A 216 -0.38 -10.67 -22.86
CA ASP A 216 -1.10 -10.01 -21.77
C ASP A 216 -0.41 -10.24 -20.42
N SER A 217 0.00 -11.49 -20.14
CA SER A 217 0.73 -11.74 -18.89
C SER A 217 1.96 -10.85 -18.81
N TYR A 218 2.73 -10.78 -19.90
CA TYR A 218 3.98 -10.03 -19.91
C TYR A 218 3.76 -8.57 -19.52
N LYS A 219 2.71 -7.96 -20.06
CA LYS A 219 2.44 -6.55 -19.77
C LYS A 219 2.24 -6.34 -18.28
N ASP A 220 1.41 -7.18 -17.65
CA ASP A 220 1.19 -7.06 -16.21
C ASP A 220 2.49 -7.23 -15.44
N SER A 221 3.27 -8.26 -15.78
CA SER A 221 4.45 -8.55 -14.98
C SER A 221 5.50 -7.45 -15.15
N THR A 222 5.74 -7.01 -16.39
CA THR A 222 6.83 -6.08 -16.61
C THR A 222 6.50 -4.69 -16.08
N LEU A 223 5.21 -4.32 -16.00
CA LEU A 223 4.85 -3.08 -15.35
C LEU A 223 5.48 -3.00 -13.96
N ILE A 224 5.39 -4.10 -13.21
CA ILE A 224 5.93 -4.11 -11.87
C ILE A 224 7.45 -4.24 -11.90
N MET A 225 7.97 -5.09 -12.78
CA MET A 225 9.41 -5.26 -12.84
C MET A 225 10.10 -3.94 -13.18
N GLN A 226 9.49 -3.12 -14.04
CA GLN A 226 10.11 -1.84 -14.36
C GLN A 226 10.26 -0.99 -13.10
N LEU A 227 9.27 -1.03 -12.20
CA LEU A 227 9.37 -0.23 -10.99
C LEU A 227 10.48 -0.74 -10.07
N LEU A 228 10.66 -2.07 -10.00
CA LEU A 228 11.81 -2.61 -9.30
C LEU A 228 13.10 -2.02 -9.88
N ARG A 229 13.21 -1.99 -11.21
N ARG A 229 13.21 -2.00 -11.21
CA ARG A 229 14.38 -1.43 -11.87
CA ARG A 229 14.40 -1.42 -11.85
C ARG A 229 14.55 0.05 -11.54
C ARG A 229 14.54 0.05 -11.52
N ASP A 230 13.45 0.80 -11.58
CA ASP A 230 13.52 2.22 -11.30
C ASP A 230 13.96 2.48 -9.87
N ASN A 231 13.49 1.68 -8.90
CA ASN A 231 13.93 1.86 -7.53
C ASN A 231 15.42 1.52 -7.39
N LEU A 232 15.87 0.45 -8.01
CA LEU A 232 17.28 0.09 -7.93
C LEU A 232 18.15 1.23 -8.45
N THR A 233 17.73 1.91 -9.51
CA THR A 233 18.43 3.10 -9.97
C THR A 233 18.56 4.12 -8.82
N LEU A 234 17.42 4.54 -8.26
CA LEU A 234 17.43 5.53 -7.20
C LEU A 234 18.27 5.07 -6.00
N TRP A 235 18.24 3.78 -5.70
CA TRP A 235 18.83 3.29 -4.46
C TRP A 235 20.31 2.94 -4.59
N THR A 236 20.85 2.85 -5.79
CA THR A 236 22.23 2.41 -5.98
C THR A 236 23.14 3.59 -6.33
N ARG B 1 11.68 9.32 -2.00
N ARG B 1 11.22 9.32 -2.30
CA ARG B 1 10.47 8.77 -2.61
CA ARG B 1 9.96 8.83 -2.86
C ARG B 1 10.83 7.66 -3.59
C ARG B 1 10.24 7.68 -3.84
N SER B 2 10.31 6.47 -3.31
CA SER B 2 10.46 5.29 -4.15
C SER B 2 9.14 4.99 -4.85
N TYR B 3 9.19 4.13 -5.87
CA TYR B 3 7.98 3.70 -6.54
C TYR B 3 7.39 2.47 -5.83
N SER B 5 3.75 -0.32 -5.70
CA SER B 5 2.83 -1.01 -6.58
C SER B 5 1.69 -0.11 -7.01
N PRO B 6 1.38 -0.06 -8.31
CA PRO B 6 0.29 0.81 -8.76
C PRO B 6 -1.05 0.17 -8.46
N ASP B 7 -2.09 0.98 -8.53
CA ASP B 7 -3.39 0.57 -8.01
C ASP B 7 -4.45 0.56 -9.11
N ILE B 8 -4.52 -0.56 -9.79
CA ILE B 8 -5.62 -0.89 -10.70
C ILE B 8 -5.97 -2.33 -10.32
#